data_2OOS
#
_entry.id   2OOS
#
_cell.length_a   131.221
_cell.length_b   131.221
_cell.length_c   83.163
_cell.angle_alpha   90.00
_cell.angle_beta   90.00
_cell.angle_gamma   90.00
#
_symmetry.space_group_name_H-M   'P 43 21 2'
#
loop_
_entity.id
_entity.type
_entity.pdbx_description
1 polymer 'Enoyl-acyl carrier reductase'
2 non-polymer NICOTINAMIDE-ADENINE-DINUCLEOTIDE
3 non-polymer 2-(2,4-DICHLOROPHENOXY)-5-(2-PHENYLETHYL)PHENOL
4 water water
#
_entity_poly.entity_id   1
_entity_poly.type   'polypeptide(L)'
_entity_poly.pdbx_seq_one_letter_code
;MVHHHHHHNEDICFIAGIGDTNGYGWGIAKELSKRNVKIIFGIWPPVYNIFMKNYKNGKFDNDMIIDKDKKMNILDMLPF
DASFDTANDIDEETKNNKRYNMLQNYTIEDVANLIHQKYGKINMLVHSLANAKEVQKDLLNTSRKGYLDALSKSSYSLIS
LCKYFVNIMKPQSSIISLTYHASQKVVPGYGGGMSSAKAALESDTRVLAYHLGRNYNIRINTISAGPLKSRAATAINKLN
NTYENNTNQNKNRNSHDVHNIMNNSGEKEEKKNSASQNYTFIDYAIEYSEKYAPLRQKLLSTDIGSVASFLLSRESRAIT
GQTIYVDNGLNIMFLPDD
;
_entity_poly.pdbx_strand_id   A,B
#
# COMPACT_ATOMS: atom_id res chain seq x y z
N GLU A 10 -8.51 -19.91 10.35
CA GLU A 10 -9.36 -20.31 9.20
C GLU A 10 -10.01 -19.07 8.49
N ASP A 11 -9.28 -18.54 7.49
CA ASP A 11 -9.72 -17.40 6.69
C ASP A 11 -10.30 -17.89 5.37
N ILE A 12 -11.44 -17.30 4.96
CA ILE A 12 -12.08 -17.63 3.69
C ILE A 12 -12.24 -16.35 2.86
N CYS A 13 -11.79 -16.43 1.62
CA CYS A 13 -11.93 -15.34 0.66
C CYS A 13 -12.82 -15.73 -0.52
N PHE A 14 -13.81 -14.86 -0.79
CA PHE A 14 -14.59 -14.93 -2.01
C PHE A 14 -13.95 -14.06 -3.09
N ILE A 15 -13.59 -14.66 -4.22
CA ILE A 15 -13.03 -13.91 -5.36
C ILE A 15 -14.03 -13.93 -6.52
N ALA A 16 -14.66 -12.79 -6.80
CA ALA A 16 -15.61 -12.67 -7.88
C ALA A 16 -14.88 -12.12 -9.11
N GLY A 17 -14.84 -12.91 -10.19
CA GLY A 17 -14.23 -12.50 -11.45
C GLY A 17 -13.03 -13.33 -11.90
N ILE A 18 -13.20 -14.61 -11.97
CA ILE A 18 -12.18 -15.48 -12.59
C ILE A 18 -12.86 -16.20 -13.76
N GLY A 19 -12.17 -16.30 -14.90
CA GLY A 19 -12.71 -16.98 -16.08
C GLY A 19 -11.71 -17.99 -16.63
N ASP A 20 -10.49 -17.95 -16.08
CA ASP A 20 -9.32 -18.69 -16.56
C ASP A 20 -8.15 -18.36 -15.62
N THR A 21 -6.95 -18.87 -15.92
CA THR A 21 -5.81 -18.64 -15.03
C THR A 21 -4.91 -17.47 -15.45
N ASN A 22 -5.40 -16.62 -16.34
CA ASN A 22 -4.54 -15.60 -16.97
C ASN A 22 -4.80 -14.16 -16.48
N GLY A 23 -5.76 -13.98 -15.57
CA GLY A 23 -6.14 -12.66 -15.02
C GLY A 23 -5.59 -12.39 -13.63
N TYR A 24 -5.98 -11.23 -13.08
CA TYR A 24 -5.59 -10.87 -11.73
C TYR A 24 -6.25 -11.75 -10.66
N GLY A 25 -7.46 -12.20 -10.90
CA GLY A 25 -8.17 -12.97 -9.83
C GLY A 25 -7.38 -14.24 -9.45
N TRP A 26 -6.85 -14.93 -10.46
CA TRP A 26 -5.99 -16.10 -10.24
C TRP A 26 -4.70 -15.82 -9.48
N GLY A 27 -4.01 -14.74 -9.85
CA GLY A 27 -2.81 -14.32 -9.15
C GLY A 27 -3.08 -14.03 -7.69
N ILE A 28 -4.26 -13.44 -7.43
CA ILE A 28 -4.71 -13.11 -6.08
C ILE A 28 -4.99 -14.42 -5.32
N ALA A 29 -5.77 -15.32 -5.93
CA ALA A 29 -6.03 -16.68 -5.40
C ALA A 29 -4.74 -17.41 -5.01
N LYS A 30 -3.77 -17.44 -5.93
CA LYS A 30 -2.47 -18.04 -5.67
C LYS A 30 -1.73 -17.47 -4.46
N GLU A 31 -1.63 -16.15 -4.36
CA GLU A 31 -0.94 -15.53 -3.23
C GLU A 31 -1.67 -15.72 -1.87
N LEU A 32 -2.98 -15.58 -1.85
CA LEU A 32 -3.77 -15.92 -0.65
C LEU A 32 -3.56 -17.36 -0.13
N SER A 33 -3.44 -18.30 -1.08
CA SER A 33 -3.20 -19.74 -0.82
C SER A 33 -1.92 -19.98 -0.08
N LYS A 34 -0.89 -19.16 -0.36
CA LYS A 34 0.32 -19.22 0.44
C LYS A 34 0.11 -18.95 1.93
N ARG A 35 -0.92 -18.17 2.25
CA ARG A 35 -1.27 -17.79 3.62
C ARG A 35 -2.31 -18.76 4.17
N ASN A 36 -2.54 -19.86 3.46
CA ASN A 36 -3.54 -20.87 3.84
C ASN A 36 -4.96 -20.31 3.93
N VAL A 37 -5.26 -19.35 3.07
CA VAL A 37 -6.64 -18.88 2.99
C VAL A 37 -7.41 -19.75 2.01
N LYS A 38 -8.64 -20.11 2.39
CA LYS A 38 -9.50 -20.94 1.59
C LYS A 38 -10.23 -20.05 0.60
N ILE A 39 -10.24 -20.47 -0.66
CA ILE A 39 -10.73 -19.64 -1.76
C ILE A 39 -12.06 -20.16 -2.30
N ILE A 40 -13.01 -19.25 -2.48
CA ILE A 40 -14.20 -19.50 -3.30
C ILE A 40 -14.18 -18.62 -4.53
N PHE A 41 -14.39 -19.22 -5.72
CA PHE A 41 -14.43 -18.42 -6.97
C PHE A 41 -15.83 -18.12 -7.38
N GLY A 42 -16.06 -16.87 -7.81
CA GLY A 42 -17.29 -16.49 -8.42
C GLY A 42 -17.03 -16.34 -9.91
N ILE A 43 -17.81 -17.05 -10.72
CA ILE A 43 -17.48 -17.22 -12.14
C ILE A 43 -18.66 -16.84 -12.98
N TRP A 44 -18.42 -15.90 -13.90
CA TRP A 44 -19.47 -15.38 -14.77
C TRP A 44 -20.19 -16.54 -15.51
N PRO A 45 -21.51 -16.64 -15.38
CA PRO A 45 -22.18 -17.84 -15.90
C PRO A 45 -21.87 -18.29 -17.34
N PRO A 46 -21.80 -17.35 -18.33
CA PRO A 46 -21.37 -17.74 -19.71
C PRO A 46 -20.02 -18.46 -19.83
N VAL A 47 -19.13 -18.35 -18.85
CA VAL A 47 -17.89 -19.10 -18.94
C VAL A 47 -17.74 -20.13 -17.82
N TYR A 48 -18.81 -20.36 -17.08
CA TYR A 48 -18.75 -21.20 -15.86
C TYR A 48 -18.45 -22.67 -16.24
N ASN A 49 -19.27 -23.21 -17.11
CA ASN A 49 -19.09 -24.60 -17.58
C ASN A 49 -17.76 -24.86 -18.30
N ILE A 50 -17.33 -23.97 -19.17
CA ILE A 50 -16.02 -24.14 -19.78
C ILE A 50 -14.91 -24.12 -18.74
N PHE A 51 -15.01 -23.20 -17.78
CA PHE A 51 -14.06 -23.16 -16.69
C PHE A 51 -14.02 -24.52 -15.96
N MET A 52 -15.18 -25.04 -15.59
CA MET A 52 -15.29 -26.30 -14.86
C MET A 52 -14.72 -27.48 -15.64
N LYS A 53 -15.02 -27.51 -16.93
CA LYS A 53 -14.48 -28.53 -17.84
C LYS A 53 -12.95 -28.51 -17.83
N ASN A 54 -12.37 -27.36 -18.13
CA ASN A 54 -10.93 -27.17 -18.10
C ASN A 54 -10.33 -27.56 -16.74
N TYR A 55 -10.98 -27.15 -15.66
CA TYR A 55 -10.52 -27.48 -14.33
C TYR A 55 -10.49 -29.00 -14.15
N LYS A 56 -11.60 -29.66 -14.48
CA LYS A 56 -11.75 -31.13 -14.38
C LYS A 56 -10.71 -31.84 -15.27
N ASN A 57 -10.54 -31.31 -16.47
CA ASN A 57 -9.58 -31.85 -17.44
C ASN A 57 -8.12 -31.69 -17.06
N GLY A 58 -7.82 -30.98 -15.97
CA GLY A 58 -6.44 -30.83 -15.52
C GLY A 58 -5.67 -29.68 -16.13
N LYS A 59 -6.34 -28.89 -16.99
CA LYS A 59 -5.74 -27.70 -17.62
C LYS A 59 -5.05 -26.71 -16.64
N PHE A 60 -5.54 -26.62 -15.42
CA PHE A 60 -5.03 -25.64 -14.46
C PHE A 60 -4.08 -26.22 -13.40
N ASP A 61 -3.74 -27.52 -13.53
CA ASP A 61 -3.01 -28.23 -12.49
C ASP A 61 -1.67 -27.63 -12.21
N ASN A 62 -0.87 -27.38 -13.25
CA ASN A 62 0.40 -26.67 -13.08
C ASN A 62 0.17 -25.23 -12.57
N ASP A 63 -0.81 -24.54 -13.16
CA ASP A 63 -1.21 -23.20 -12.65
C ASP A 63 -1.54 -23.17 -11.15
N MET A 64 -1.91 -24.31 -10.57
CA MET A 64 -2.35 -24.40 -9.18
C MET A 64 -1.25 -24.61 -8.14
N ILE A 65 -0.06 -24.93 -8.62
CA ILE A 65 1.04 -25.25 -7.71
C ILE A 65 1.59 -23.98 -7.07
N ILE A 66 1.63 -23.98 -5.74
CA ILE A 66 2.23 -22.84 -5.00
C ILE A 66 3.67 -23.17 -4.63
N ASP A 67 3.83 -24.24 -3.84
CA ASP A 67 5.11 -24.68 -3.26
C ASP A 67 5.41 -26.10 -3.66
N LYS A 68 6.60 -26.55 -3.24
CA LYS A 68 7.01 -27.96 -3.22
C LYS A 68 5.99 -28.79 -2.42
N ASP A 69 5.30 -28.14 -1.49
CA ASP A 69 4.38 -28.83 -0.57
C ASP A 69 2.88 -28.49 -0.72
N LYS A 70 2.58 -27.44 -1.52
CA LYS A 70 1.24 -26.83 -1.56
C LYS A 70 0.59 -26.81 -2.94
N LYS A 71 -0.62 -27.38 -3.00
CA LYS A 71 -1.57 -27.18 -4.09
C LYS A 71 -2.47 -25.99 -3.65
N MET A 72 -3.05 -25.25 -4.60
CA MET A 72 -4.07 -24.25 -4.25
C MET A 72 -5.29 -25.00 -3.66
N ASN A 73 -5.77 -24.53 -2.51
CA ASN A 73 -6.99 -25.07 -1.87
C ASN A 73 -8.22 -24.31 -2.34
N ILE A 74 -8.85 -24.83 -3.40
CA ILE A 74 -10.08 -24.25 -3.86
C ILE A 74 -11.29 -24.88 -3.15
N LEU A 75 -11.86 -24.09 -2.24
CA LEU A 75 -12.99 -24.54 -1.48
C LEU A 75 -14.28 -24.77 -2.33
N ASP A 76 -14.62 -23.84 -3.24
CA ASP A 76 -15.75 -24.04 -4.13
C ASP A 76 -15.61 -23.10 -5.33
N MET A 77 -16.41 -23.36 -6.35
CA MET A 77 -16.45 -22.50 -7.51
C MET A 77 -17.91 -22.38 -7.84
N LEU A 78 -18.42 -21.16 -7.89
CA LEU A 78 -19.85 -20.92 -8.05
C LEU A 78 -20.06 -19.96 -9.18
N PRO A 79 -21.16 -20.17 -9.95
CA PRO A 79 -21.60 -19.20 -10.95
C PRO A 79 -22.03 -17.90 -10.23
N PHE A 80 -21.60 -16.78 -10.81
CA PHE A 80 -21.81 -15.48 -10.18
C PHE A 80 -21.91 -14.42 -11.30
N ASP A 81 -23.03 -13.69 -11.32
CA ASP A 81 -23.29 -12.64 -12.31
C ASP A 81 -23.52 -11.30 -11.60
N ALA A 82 -22.56 -10.39 -11.77
CA ALA A 82 -22.51 -9.10 -11.10
C ALA A 82 -23.55 -8.10 -11.64
N SER A 83 -24.24 -8.46 -12.71
CA SER A 83 -25.30 -7.60 -13.18
C SER A 83 -26.63 -7.76 -12.48
N PHE A 84 -26.80 -8.81 -11.65
CA PHE A 84 -28.07 -9.04 -10.96
C PHE A 84 -27.93 -9.02 -9.44
N ASP A 85 -28.71 -8.19 -8.76
CA ASP A 85 -28.60 -8.07 -7.30
C ASP A 85 -29.31 -9.21 -6.58
N THR A 86 -30.52 -9.55 -7.04
CA THR A 86 -31.37 -10.55 -6.39
C THR A 86 -32.10 -11.34 -7.44
N ALA A 87 -32.78 -12.40 -6.98
CA ALA A 87 -33.57 -13.23 -7.88
C ALA A 87 -34.58 -12.42 -8.66
N ASN A 88 -35.15 -11.38 -8.05
CA ASN A 88 -36.10 -10.51 -8.77
C ASN A 88 -35.55 -9.84 -10.04
N ASP A 89 -34.23 -9.66 -10.14
CA ASP A 89 -33.66 -8.92 -11.27
C ASP A 89 -33.42 -9.76 -12.53
N ILE A 90 -33.52 -11.07 -12.41
CA ILE A 90 -33.25 -11.97 -13.56
C ILE A 90 -34.30 -11.72 -14.69
N ASP A 91 -33.83 -11.17 -15.80
CA ASP A 91 -34.63 -10.95 -17.02
C ASP A 91 -34.79 -12.21 -17.88
N GLU A 92 -35.90 -12.31 -18.60
CA GLU A 92 -36.34 -13.58 -19.21
C GLU A 92 -35.50 -14.13 -20.36
N GLU A 93 -35.03 -13.25 -21.25
CA GLU A 93 -34.03 -13.62 -22.27
C GLU A 93 -32.80 -14.31 -21.65
N THR A 94 -32.21 -13.72 -20.59
CA THR A 94 -31.12 -14.41 -19.86
C THR A 94 -31.59 -15.68 -19.14
N LYS A 95 -32.74 -15.63 -18.49
CA LYS A 95 -33.32 -16.82 -17.87
C LYS A 95 -33.41 -17.99 -18.88
N ASN A 96 -33.50 -17.66 -20.16
CA ASN A 96 -33.64 -18.61 -21.27
C ASN A 96 -32.35 -18.90 -22.02
N ASN A 97 -31.36 -18.03 -21.86
CA ASN A 97 -30.06 -18.21 -22.52
C ASN A 97 -29.56 -19.61 -22.19
N LYS A 98 -29.02 -20.29 -23.19
CA LYS A 98 -28.60 -21.69 -23.04
C LYS A 98 -27.59 -21.88 -21.91
N ARG A 99 -26.70 -20.89 -21.72
CA ARG A 99 -25.66 -20.96 -20.68
C ARG A 99 -26.20 -20.74 -19.27
N TYR A 100 -27.20 -19.87 -19.13
CA TYR A 100 -27.85 -19.62 -17.84
C TYR A 100 -28.88 -20.67 -17.40
N ASN A 101 -29.43 -21.41 -18.36
CA ASN A 101 -30.50 -22.39 -18.11
C ASN A 101 -30.21 -23.51 -17.11
N MET A 102 -28.98 -24.04 -17.16
CA MET A 102 -28.55 -25.11 -16.28
C MET A 102 -27.95 -24.65 -14.97
N LEU A 103 -28.04 -23.35 -14.70
CA LEU A 103 -27.39 -22.76 -13.52
C LEU A 103 -28.42 -22.08 -12.64
N GLN A 104 -28.17 -22.05 -11.35
CA GLN A 104 -29.08 -21.35 -10.45
C GLN A 104 -28.36 -20.61 -9.35
N ASN A 105 -29.11 -19.72 -8.69
CA ASN A 105 -28.61 -18.99 -7.51
C ASN A 105 -27.30 -18.24 -7.75
N TYR A 106 -27.23 -17.54 -8.87
CA TYR A 106 -25.98 -16.90 -9.27
C TYR A 106 -26.04 -15.36 -9.23
N THR A 107 -27.14 -14.80 -8.69
CA THR A 107 -27.23 -13.35 -8.44
C THR A 107 -26.38 -13.03 -7.22
N ILE A 108 -26.06 -11.77 -7.01
CA ILE A 108 -25.15 -11.39 -5.91
C ILE A 108 -25.68 -11.83 -4.54
N GLU A 109 -26.95 -11.55 -4.28
CA GLU A 109 -27.57 -11.97 -3.02
C GLU A 109 -27.65 -13.49 -2.89
N ASP A 110 -28.00 -14.18 -3.98
CA ASP A 110 -28.07 -15.66 -3.97
C ASP A 110 -26.72 -16.29 -3.64
N VAL A 111 -25.63 -15.72 -4.17
CA VAL A 111 -24.35 -16.32 -3.82
C VAL A 111 -23.83 -16.05 -2.42
N ALA A 112 -24.14 -14.87 -1.87
CA ALA A 112 -23.84 -14.62 -0.47
C ALA A 112 -24.60 -15.64 0.42
N ASN A 113 -25.88 -15.88 0.10
CA ASN A 113 -26.74 -16.80 0.89
C ASN A 113 -26.17 -18.23 0.82
N LEU A 114 -25.82 -18.67 -0.40
CA LEU A 114 -25.22 -20.01 -0.63
C LEU A 114 -23.93 -20.18 0.16
N ILE A 115 -23.03 -19.22 0.05
CA ILE A 115 -21.75 -19.29 0.76
C ILE A 115 -21.97 -19.37 2.24
N HIS A 116 -22.81 -18.48 2.76
CA HIS A 116 -23.16 -18.48 4.16
C HIS A 116 -23.73 -19.83 4.65
N GLN A 117 -24.66 -20.40 3.87
CA GLN A 117 -25.34 -21.69 4.16
C GLN A 117 -24.30 -22.80 4.17
N LYS A 118 -23.41 -22.82 3.17
CA LYS A 118 -22.42 -23.90 3.07
C LYS A 118 -21.25 -23.75 4.01
N TYR A 119 -20.71 -22.54 4.18
CA TYR A 119 -19.39 -22.39 4.84
C TYR A 119 -19.37 -21.47 6.05
N GLY A 120 -20.50 -20.82 6.30
CA GLY A 120 -20.54 -19.82 7.36
C GLY A 120 -19.98 -18.49 6.90
N LYS A 121 -19.47 -17.73 7.85
CA LYS A 121 -19.07 -16.35 7.63
C LYS A 121 -17.66 -16.33 7.09
N ILE A 122 -17.38 -15.35 6.24
CA ILE A 122 -16.07 -15.21 5.57
C ILE A 122 -15.40 -13.94 6.03
N ASN A 123 -14.16 -13.75 5.66
CA ASN A 123 -13.51 -12.53 6.12
C ASN A 123 -12.70 -11.74 5.09
N MET A 124 -12.73 -12.17 3.83
CA MET A 124 -12.05 -11.48 2.71
C MET A 124 -12.91 -11.54 1.46
N LEU A 125 -12.93 -10.44 0.73
CA LEU A 125 -13.78 -10.31 -0.39
C LEU A 125 -12.96 -9.64 -1.49
N VAL A 126 -12.93 -10.26 -2.65
CA VAL A 126 -12.23 -9.65 -3.81
C VAL A 126 -13.19 -9.39 -4.94
N HIS A 127 -13.28 -8.12 -5.37
CA HIS A 127 -13.95 -7.76 -6.62
C HIS A 127 -12.90 -7.68 -7.74
N SER A 128 -12.99 -8.56 -8.74
CA SER A 128 -11.93 -8.61 -9.77
C SER A 128 -12.58 -8.71 -11.13
N LEU A 129 -13.48 -7.81 -11.44
CA LEU A 129 -14.31 -7.98 -12.62
C LEU A 129 -14.68 -6.63 -13.19
N ALA A 130 -14.92 -6.63 -14.49
CA ALA A 130 -15.34 -5.45 -15.24
C ALA A 130 -16.01 -5.93 -16.51
N ASN A 131 -16.96 -5.14 -17.00
CA ASN A 131 -17.47 -5.29 -18.36
C ASN A 131 -18.05 -3.97 -18.81
N ALA A 132 -18.14 -3.78 -20.11
CA ALA A 132 -18.59 -2.54 -20.76
C ALA A 132 -18.87 -3.00 -22.20
N LYS A 133 -20.16 -3.09 -22.54
CA LYS A 133 -20.57 -3.60 -23.87
C LYS A 133 -20.06 -2.75 -25.02
N GLU A 134 -19.67 -1.48 -24.76
CA GLU A 134 -19.18 -0.57 -25.81
C GLU A 134 -17.70 -0.17 -25.61
N VAL A 135 -16.90 -1.05 -24.98
CA VAL A 135 -15.52 -0.69 -24.61
C VAL A 135 -14.67 -0.25 -25.81
N GLN A 136 -15.03 -0.71 -26.99
CA GLN A 136 -14.33 -0.42 -28.21
C GLN A 136 -14.65 0.98 -28.83
N LYS A 137 -15.66 1.67 -28.30
CA LYS A 137 -15.98 3.00 -28.79
C LYS A 137 -15.33 4.03 -27.90
N ASP A 138 -14.84 5.13 -28.48
CA ASP A 138 -14.43 6.16 -27.59
C ASP A 138 -15.63 6.79 -26.79
N LEU A 139 -15.29 7.46 -25.69
CA LEU A 139 -16.28 7.92 -24.71
C LEU A 139 -17.32 8.80 -25.38
N LEU A 140 -16.87 9.69 -26.27
CA LEU A 140 -17.76 10.59 -26.98
C LEU A 140 -18.80 9.88 -27.85
N ASN A 141 -18.48 8.67 -28.34
CA ASN A 141 -19.42 7.89 -29.15
C ASN A 141 -20.08 6.74 -28.39
N THR A 142 -19.94 6.74 -27.08
CA THR A 142 -20.62 5.73 -26.29
C THR A 142 -22.07 6.12 -26.05
N SER A 143 -22.96 5.12 -26.16
CA SER A 143 -24.41 5.36 -25.91
C SER A 143 -24.76 5.35 -24.41
N ARG A 144 -25.95 5.85 -24.07
CA ARG A 144 -26.39 5.86 -22.69
C ARG A 144 -26.43 4.43 -22.14
N LYS A 145 -27.08 3.55 -22.88
CA LYS A 145 -27.09 2.11 -22.57
C LYS A 145 -25.69 1.52 -22.35
N GLY A 146 -24.77 1.78 -23.27
CA GLY A 146 -23.38 1.35 -23.18
C GLY A 146 -22.64 1.90 -21.95
N TYR A 147 -22.80 3.19 -21.72
CA TYR A 147 -22.20 3.83 -20.55
C TYR A 147 -22.72 3.27 -19.23
N LEU A 148 -24.03 3.22 -19.11
CA LEU A 148 -24.65 2.69 -17.89
C LEU A 148 -24.36 1.19 -17.64
N ASP A 149 -24.25 0.39 -18.71
CA ASP A 149 -23.74 -1.00 -18.59
C ASP A 149 -22.35 -1.09 -17.99
N ALA A 150 -21.42 -0.24 -18.46
CA ALA A 150 -20.09 -0.17 -17.85
C ALA A 150 -20.17 0.15 -16.38
N LEU A 151 -20.99 1.15 -16.03
CA LEU A 151 -21.12 1.57 -14.60
C LEU A 151 -21.78 0.47 -13.76
N SER A 152 -22.77 -0.16 -14.36
CA SER A 152 -23.50 -1.21 -13.69
C SER A 152 -22.64 -2.40 -13.39
N LYS A 153 -21.90 -2.90 -14.37
CA LYS A 153 -21.10 -4.11 -14.15
C LYS A 153 -19.77 -3.88 -13.45
N SER A 154 -19.15 -2.71 -13.63
CA SER A 154 -17.83 -2.46 -13.12
C SER A 154 -17.77 -1.67 -11.84
N SER A 155 -18.81 -0.91 -11.53
CA SER A 155 -18.78 0.02 -10.40
C SER A 155 -19.87 -0.33 -9.40
N TYR A 156 -21.12 -0.29 -9.85
CA TYR A 156 -22.23 -0.59 -8.94
C TYR A 156 -22.09 -2.02 -8.33
N SER A 157 -21.64 -2.97 -9.16
CA SER A 157 -21.40 -4.35 -8.69
C SER A 157 -20.56 -4.41 -7.41
N LEU A 158 -19.61 -3.49 -7.28
CA LEU A 158 -18.84 -3.42 -6.06
C LEU A 158 -19.71 -3.02 -4.84
N ILE A 159 -20.54 -1.98 -4.98
CA ILE A 159 -21.40 -1.53 -3.89
C ILE A 159 -22.39 -2.67 -3.47
N SER A 160 -22.99 -3.30 -4.48
CA SER A 160 -23.91 -4.41 -4.28
C SER A 160 -23.27 -5.60 -3.57
N LEU A 161 -22.08 -5.98 -4.03
CA LEU A 161 -21.29 -6.98 -3.36
C LEU A 161 -21.10 -6.65 -1.87
N CYS A 162 -20.67 -5.43 -1.57
CA CYS A 162 -20.50 -5.03 -0.16
C CYS A 162 -21.82 -5.13 0.61
N LYS A 163 -22.88 -4.62 0.01
CA LYS A 163 -24.22 -4.59 0.66
C LYS A 163 -24.68 -6.00 1.10
N TYR A 164 -24.57 -6.96 0.18
CA TYR A 164 -24.98 -8.35 0.45
C TYR A 164 -23.96 -9.19 1.24
N PHE A 165 -22.67 -8.97 1.01
CA PHE A 165 -21.66 -9.74 1.71
C PHE A 165 -21.34 -9.27 3.10
N VAL A 166 -21.64 -8.02 3.43
CA VAL A 166 -21.30 -7.50 4.75
C VAL A 166 -21.98 -8.33 5.85
N ASN A 167 -23.22 -8.74 5.59
CA ASN A 167 -24.01 -9.55 6.50
C ASN A 167 -23.45 -10.93 6.80
N ILE A 168 -22.57 -11.42 5.94
CA ILE A 168 -21.94 -12.73 6.10
C ILE A 168 -20.46 -12.60 6.38
N MET A 169 -20.01 -11.41 6.76
CA MET A 169 -18.59 -11.23 7.07
C MET A 169 -18.33 -11.03 8.57
N LYS A 170 -17.15 -11.43 9.01
CA LYS A 170 -16.72 -11.20 10.40
C LYS A 170 -16.23 -9.78 10.56
N PRO A 171 -16.29 -9.23 11.80
CA PRO A 171 -15.65 -7.91 12.08
C PRO A 171 -14.16 -7.96 11.76
N GLN A 172 -13.58 -6.79 11.46
CA GLN A 172 -12.20 -6.65 10.98
C GLN A 172 -11.99 -7.38 9.63
N SER A 173 -13.06 -7.63 8.90
CA SER A 173 -12.92 -8.18 7.54
C SER A 173 -12.37 -7.13 6.57
N SER A 174 -11.97 -7.54 5.38
CA SER A 174 -11.35 -6.63 4.43
C SER A 174 -11.75 -6.96 2.96
N ILE A 175 -11.82 -5.92 2.14
CA ILE A 175 -12.36 -5.95 0.77
C ILE A 175 -11.39 -5.21 -0.18
N ILE A 176 -11.13 -5.80 -1.34
CA ILE A 176 -10.39 -5.06 -2.36
C ILE A 176 -11.11 -5.16 -3.70
N SER A 177 -10.83 -4.21 -4.60
CA SER A 177 -11.28 -4.26 -5.97
C SER A 177 -10.05 -3.90 -6.82
N LEU A 178 -10.16 -4.06 -8.13
CA LEU A 178 -9.09 -3.67 -9.04
C LEU A 178 -9.51 -2.50 -9.94
N THR A 179 -8.62 -1.54 -10.11
CA THR A 179 -8.91 -0.41 -10.90
C THR A 179 -7.74 -0.14 -11.88
N TYR A 180 -7.87 0.93 -12.66
CA TYR A 180 -6.87 1.29 -13.64
C TYR A 180 -6.80 2.82 -13.73
N HIS A 181 -5.61 3.30 -14.03
CA HIS A 181 -5.23 4.71 -13.93
C HIS A 181 -5.87 5.57 -14.99
N ALA A 182 -6.47 4.96 -16.01
CA ALA A 182 -7.31 5.69 -16.94
C ALA A 182 -8.43 6.51 -16.27
N SER A 183 -8.79 6.14 -15.03
CA SER A 183 -9.77 6.93 -14.25
C SER A 183 -9.24 8.34 -13.99
N GLN A 184 -7.92 8.49 -13.89
CA GLN A 184 -7.28 9.71 -13.42
C GLN A 184 -6.51 10.48 -14.52
N LYS A 185 -5.98 9.76 -15.52
CA LYS A 185 -5.23 10.38 -16.61
C LYS A 185 -5.73 9.71 -17.88
N VAL A 186 -5.73 10.42 -19.00
CA VAL A 186 -6.37 9.83 -20.14
C VAL A 186 -5.57 8.76 -20.92
N VAL A 187 -6.25 7.65 -21.14
CA VAL A 187 -5.77 6.58 -22.01
C VAL A 187 -6.76 6.38 -23.16
N PRO A 188 -6.37 6.93 -24.33
CA PRO A 188 -7.18 6.76 -25.53
C PRO A 188 -7.25 5.25 -25.80
N GLY A 189 -8.43 4.78 -26.14
CA GLY A 189 -8.63 3.33 -26.34
C GLY A 189 -9.33 2.63 -25.18
N TYR A 190 -9.30 3.22 -23.98
CA TYR A 190 -9.98 2.64 -22.83
C TYR A 190 -11.38 3.20 -22.85
N GLY A 191 -12.24 2.61 -23.70
CA GLY A 191 -13.45 3.26 -24.13
C GLY A 191 -14.69 2.84 -23.38
N GLY A 192 -15.85 3.26 -23.89
CA GLY A 192 -17.08 2.60 -23.45
C GLY A 192 -17.59 3.04 -22.11
N GLY A 193 -16.94 4.05 -21.52
CA GLY A 193 -17.28 4.40 -20.12
C GLY A 193 -16.52 3.60 -19.07
N MET A 194 -15.61 2.74 -19.51
CA MET A 194 -14.64 2.08 -18.60
C MET A 194 -13.81 3.02 -17.74
N SER A 195 -13.30 4.10 -18.34
CA SER A 195 -12.60 5.13 -17.59
C SER A 195 -13.52 5.73 -16.53
N SER A 196 -14.75 6.03 -16.91
CA SER A 196 -15.75 6.63 -15.99
C SER A 196 -16.09 5.68 -14.82
N ALA A 197 -16.21 4.40 -15.14
CA ALA A 197 -16.55 3.38 -14.15
C ALA A 197 -15.42 3.21 -13.16
N LYS A 198 -14.17 3.31 -13.63
CA LYS A 198 -13.03 3.17 -12.72
C LYS A 198 -12.93 4.40 -11.80
N ALA A 199 -13.20 5.59 -12.34
CA ALA A 199 -13.25 6.80 -11.52
C ALA A 199 -14.33 6.70 -10.44
N ALA A 200 -15.50 6.18 -10.80
CA ALA A 200 -16.59 5.99 -9.82
C ALA A 200 -16.18 4.96 -8.75
N LEU A 201 -15.53 3.87 -9.19
CA LEU A 201 -15.07 2.80 -8.30
C LEU A 201 -14.06 3.34 -7.29
N GLU A 202 -13.09 4.12 -7.73
CA GLU A 202 -12.10 4.73 -6.80
C GLU A 202 -12.74 5.71 -5.76
N SER A 203 -13.68 6.49 -6.23
CA SER A 203 -14.43 7.43 -5.37
C SER A 203 -15.35 6.65 -4.36
N ASP A 204 -16.04 5.63 -4.86
CA ASP A 204 -16.94 4.76 -4.10
C ASP A 204 -16.18 3.98 -3.03
N THR A 205 -14.92 3.62 -3.34
CA THR A 205 -14.01 2.96 -2.41
C THR A 205 -13.84 3.84 -1.13
N ARG A 206 -13.64 5.14 -1.31
CA ARG A 206 -13.65 6.10 -0.18
C ARG A 206 -14.99 6.13 0.58
N VAL A 207 -16.08 6.36 -0.13
CA VAL A 207 -17.38 6.51 0.54
C VAL A 207 -17.73 5.21 1.27
N LEU A 208 -17.52 4.09 0.62
CA LEU A 208 -17.75 2.77 1.23
C LEU A 208 -16.85 2.54 2.46
N ALA A 209 -15.60 3.02 2.40
CA ALA A 209 -14.69 2.86 3.52
C ALA A 209 -15.20 3.62 4.76
N TYR A 210 -15.80 4.77 4.53
CA TYR A 210 -16.40 5.51 5.63
C TYR A 210 -17.55 4.69 6.28
N HIS A 211 -18.50 4.22 5.49
CA HIS A 211 -19.67 3.55 6.03
C HIS A 211 -19.30 2.20 6.62
N LEU A 212 -18.44 1.47 5.92
CA LEU A 212 -18.06 0.13 6.36
C LEU A 212 -17.13 0.19 7.56
N GLY A 213 -16.29 1.21 7.62
CA GLY A 213 -15.41 1.38 8.77
C GLY A 213 -16.23 1.75 9.99
N ARG A 214 -17.11 2.73 9.87
CA ARG A 214 -17.87 3.20 11.01
C ARG A 214 -18.92 2.18 11.49
N ASN A 215 -19.63 1.55 10.57
CA ASN A 215 -20.71 0.69 10.95
C ASN A 215 -20.34 -0.76 11.20
N TYR A 216 -19.21 -1.23 10.64
CA TYR A 216 -18.86 -2.66 10.74
C TYR A 216 -17.43 -2.94 11.07
N ASN A 217 -16.60 -1.90 11.21
CA ASN A 217 -15.15 -2.09 11.32
C ASN A 217 -14.53 -2.96 10.19
N ILE A 218 -15.01 -2.74 8.97
CA ILE A 218 -14.54 -3.49 7.81
C ILE A 218 -13.80 -2.50 6.90
N ARG A 219 -12.70 -2.93 6.30
CA ARG A 219 -11.88 -2.05 5.44
C ARG A 219 -12.05 -2.35 3.97
N ILE A 220 -11.86 -1.33 3.13
CA ILE A 220 -12.01 -1.52 1.69
C ILE A 220 -11.00 -0.58 1.00
N ASN A 221 -10.29 -1.14 0.01
CA ASN A 221 -9.24 -0.47 -0.74
C ASN A 221 -9.37 -0.93 -2.16
N THR A 222 -8.63 -0.28 -3.08
CA THR A 222 -8.61 -0.70 -4.48
C THR A 222 -7.14 -0.71 -4.94
N ILE A 223 -6.82 -1.67 -5.79
CA ILE A 223 -5.48 -1.76 -6.33
C ILE A 223 -5.55 -1.26 -7.78
N SER A 224 -4.77 -0.23 -8.09
CA SER A 224 -4.61 0.22 -9.45
C SER A 224 -3.42 -0.53 -10.07
N ALA A 225 -3.78 -1.49 -10.92
CA ALA A 225 -2.84 -2.40 -11.52
C ALA A 225 -2.30 -1.92 -12.86
N GLY A 226 -1.06 -2.26 -13.14
CA GLY A 226 -0.49 -2.02 -14.44
C GLY A 226 -1.01 -3.12 -15.36
N PRO A 227 -0.54 -3.12 -16.63
CA PRO A 227 -1.15 -3.95 -17.67
C PRO A 227 -0.72 -5.42 -17.56
N LEU A 228 -1.68 -6.30 -17.81
CA LEU A 228 -1.50 -7.75 -17.78
C LEU A 228 -2.29 -8.31 -18.98
N LYS A 229 -1.70 -9.24 -19.71
CA LYS A 229 -2.37 -9.86 -20.89
C LYS A 229 -3.42 -10.91 -20.45
N SER A 230 -4.53 -10.38 -19.92
CA SER A 230 -5.67 -11.17 -19.50
C SER A 230 -6.63 -11.31 -20.67
N ARG A 231 -7.59 -12.22 -20.55
CA ARG A 231 -8.61 -12.38 -21.59
C ARG A 231 -9.33 -11.07 -21.90
N ALA A 232 -9.74 -10.35 -20.84
CA ALA A 232 -10.45 -9.10 -21.02
C ALA A 232 -9.60 -8.08 -21.76
N ALA A 233 -8.31 -8.02 -21.41
CA ALA A 233 -7.39 -7.04 -22.01
C ALA A 233 -7.24 -7.26 -23.52
N THR A 234 -7.11 -8.54 -23.91
CA THR A 234 -6.93 -9.01 -25.29
C THR A 234 -8.19 -8.79 -26.13
N ALA A 235 -9.35 -9.03 -25.50
CA ALA A 235 -10.66 -8.82 -26.12
C ALA A 235 -10.88 -7.36 -26.53
N ILE A 236 -10.32 -6.42 -25.76
CA ILE A 236 -10.51 -4.99 -26.04
C ILE A 236 -10.23 -4.62 -27.51
N THR A 280 -4.85 -4.78 -30.30
CA THR A 280 -4.01 -5.09 -29.09
C THR A 280 -3.39 -3.86 -28.44
N PHE A 281 -4.26 -2.97 -27.97
CA PHE A 281 -3.89 -1.94 -27.04
C PHE A 281 -3.05 -2.55 -25.90
N ILE A 282 -3.27 -3.84 -25.61
CA ILE A 282 -2.62 -4.46 -24.44
C ILE A 282 -1.16 -4.78 -24.67
N ASP A 283 -0.84 -5.33 -25.83
CA ASP A 283 0.55 -5.61 -26.19
C ASP A 283 1.38 -4.33 -26.20
N TYR A 284 0.78 -3.25 -26.70
CA TYR A 284 1.36 -1.91 -26.66
C TYR A 284 1.58 -1.38 -25.25
N ALA A 285 0.53 -1.44 -24.42
CA ALA A 285 0.59 -0.97 -23.00
C ALA A 285 1.65 -1.72 -22.21
N ILE A 286 1.74 -3.02 -22.44
CA ILE A 286 2.72 -3.82 -21.78
C ILE A 286 4.13 -3.45 -22.21
N GLU A 287 4.36 -3.35 -23.53
CA GLU A 287 5.67 -2.90 -24.05
C GLU A 287 6.09 -1.51 -23.54
N TYR A 288 5.18 -0.57 -23.62
CA TYR A 288 5.35 0.77 -23.07
C TYR A 288 5.75 0.77 -21.59
N SER A 289 4.99 0.06 -20.76
CA SER A 289 5.27 -0.04 -19.32
C SER A 289 6.64 -0.64 -19.08
N GLU A 290 6.97 -1.68 -19.86
CA GLU A 290 8.28 -2.33 -19.69
C GLU A 290 9.48 -1.48 -20.14
N LYS A 291 9.25 -0.53 -21.02
CA LYS A 291 10.30 0.38 -21.45
C LYS A 291 10.39 1.58 -20.50
N TYR A 292 9.24 2.06 -20.03
CA TYR A 292 9.22 3.36 -19.36
C TYR A 292 8.99 3.37 -17.86
N ALA A 293 8.45 2.31 -17.27
CA ALA A 293 8.26 2.28 -15.82
C ALA A 293 9.60 2.38 -15.08
N PRO A 294 9.65 3.02 -13.87
CA PRO A 294 10.85 2.99 -13.00
C PRO A 294 11.45 1.61 -12.86
N LEU A 295 10.58 0.61 -12.67
CA LEU A 295 10.98 -0.80 -12.52
C LEU A 295 10.80 -1.56 -13.85
N ARG A 296 11.89 -2.16 -14.31
CA ARG A 296 11.93 -2.84 -15.62
C ARG A 296 11.39 -4.30 -15.66
N GLN A 297 11.26 -4.95 -14.51
CA GLN A 297 10.70 -6.31 -14.43
C GLN A 297 9.31 -6.43 -15.09
N LYS A 298 9.02 -7.61 -15.64
CA LYS A 298 7.68 -7.96 -16.11
C LYS A 298 6.73 -7.94 -14.94
N LEU A 299 5.58 -7.30 -15.12
CA LEU A 299 4.57 -7.22 -14.07
C LEU A 299 3.79 -8.51 -14.11
N LEU A 300 3.75 -9.22 -12.99
CA LEU A 300 3.02 -10.50 -12.90
C LEU A 300 1.68 -10.37 -12.17
N SER A 301 0.76 -11.29 -12.44
CA SER A 301 -0.49 -11.26 -11.71
C SER A 301 -0.27 -11.52 -10.25
N THR A 302 0.75 -12.29 -9.93
CA THR A 302 1.13 -12.51 -8.52
C THR A 302 1.81 -11.30 -7.84
N ASP A 303 2.30 -10.34 -8.61
CA ASP A 303 2.72 -9.05 -8.02
C ASP A 303 1.54 -8.27 -7.46
N ILE A 304 0.42 -8.28 -8.17
CA ILE A 304 -0.85 -7.70 -7.66
C ILE A 304 -1.39 -8.62 -6.52
N GLY A 305 -1.26 -9.94 -6.72
CA GLY A 305 -1.69 -10.95 -5.73
C GLY A 305 -1.09 -10.74 -4.34
N SER A 306 0.19 -10.47 -4.28
CA SER A 306 0.85 -10.30 -2.99
C SER A 306 0.48 -8.98 -2.30
N VAL A 307 0.21 -7.94 -3.09
CA VAL A 307 -0.35 -6.72 -2.54
C VAL A 307 -1.76 -6.95 -2.00
N ALA A 308 -2.56 -7.68 -2.77
CA ALA A 308 -3.92 -7.97 -2.38
C ALA A 308 -3.97 -8.76 -1.07
N SER A 309 -3.06 -9.73 -0.97
CA SER A 309 -2.93 -10.55 0.22
C SER A 309 -2.66 -9.69 1.45
N PHE A 310 -1.75 -8.73 1.30
CA PHE A 310 -1.44 -7.81 2.39
C PHE A 310 -2.65 -6.92 2.81
N LEU A 311 -3.39 -6.43 1.82
CA LEU A 311 -4.48 -5.50 2.04
C LEU A 311 -5.64 -6.24 2.67
N LEU A 312 -5.70 -7.54 2.39
CA LEU A 312 -6.77 -8.36 2.90
C LEU A 312 -6.45 -8.88 4.30
N SER A 313 -5.24 -8.67 4.78
CA SER A 313 -4.83 -9.20 6.09
C SER A 313 -4.88 -8.15 7.15
N ARG A 314 -4.75 -8.58 8.41
CA ARG A 314 -4.67 -7.64 9.48
C ARG A 314 -3.40 -6.80 9.51
N GLU A 315 -2.39 -7.17 8.72
CA GLU A 315 -1.15 -6.35 8.64
C GLU A 315 -1.39 -4.93 8.12
N SER A 316 -2.50 -4.75 7.40
CA SER A 316 -2.88 -3.44 6.88
C SER A 316 -4.09 -2.84 7.60
N ARG A 317 -4.30 -3.14 8.87
CA ARG A 317 -5.48 -2.70 9.62
C ARG A 317 -5.72 -1.19 9.64
N ALA A 318 -4.69 -0.39 9.43
CA ALA A 318 -4.84 1.09 9.49
C ALA A 318 -4.93 1.75 8.08
N ILE A 319 -5.09 0.91 7.06
CA ILE A 319 -5.27 1.33 5.68
C ILE A 319 -6.69 1.09 5.20
N THR A 320 -7.39 2.17 4.83
CA THR A 320 -8.72 2.04 4.26
C THR A 320 -9.11 3.21 3.35
N GLY A 321 -9.93 2.93 2.34
CA GLY A 321 -10.39 3.96 1.40
C GLY A 321 -9.36 4.34 0.36
N GLN A 322 -8.28 3.57 0.24
CA GLN A 322 -7.14 4.01 -0.61
C GLN A 322 -7.11 3.32 -1.95
N THR A 323 -6.52 4.01 -2.91
CA THR A 323 -6.13 3.45 -4.22
C THR A 323 -4.64 3.20 -4.18
N ILE A 324 -4.26 1.93 -4.24
CA ILE A 324 -2.87 1.57 -4.07
C ILE A 324 -2.34 1.18 -5.45
N TYR A 325 -1.28 1.85 -5.94
CA TYR A 325 -0.76 1.53 -7.25
C TYR A 325 0.24 0.39 -7.28
N VAL A 326 -0.02 -0.62 -8.11
CA VAL A 326 0.87 -1.77 -8.23
C VAL A 326 1.13 -1.97 -9.72
N ASP A 327 2.15 -1.27 -10.23
CA ASP A 327 2.24 -0.99 -11.65
C ASP A 327 3.66 -0.71 -12.00
N ASN A 328 4.58 -1.17 -11.16
CA ASN A 328 6.01 -0.89 -11.35
C ASN A 328 6.43 0.58 -11.32
N GLY A 329 5.58 1.44 -10.74
CA GLY A 329 5.84 2.84 -10.65
C GLY A 329 5.36 3.64 -11.85
N LEU A 330 4.79 3.01 -12.87
CA LEU A 330 4.57 3.77 -14.13
C LEU A 330 3.73 5.04 -13.90
N ASN A 331 2.73 4.95 -13.02
CA ASN A 331 1.84 6.12 -12.76
C ASN A 331 2.58 7.40 -12.37
N ILE A 332 3.81 7.28 -11.87
CA ILE A 332 4.51 8.51 -11.39
C ILE A 332 5.12 9.36 -12.51
N MET A 333 5.23 8.82 -13.72
CA MET A 333 5.99 9.47 -14.86
C MET A 333 5.13 10.51 -15.55
N PHE A 334 5.74 11.59 -15.99
CA PHE A 334 5.07 12.54 -16.86
C PHE A 334 5.40 12.22 -18.32
N LEU A 335 6.56 12.63 -18.81
CA LEU A 335 6.88 12.39 -20.23
C LEU A 335 7.80 11.16 -20.43
N PRO A 336 7.68 10.46 -21.59
CA PRO A 336 8.72 9.47 -21.96
C PRO A 336 10.09 10.06 -21.72
N ASP A 337 11.03 9.24 -21.29
CA ASP A 337 12.34 9.75 -20.89
C ASP A 337 13.42 9.65 -21.96
N ASP A 338 12.98 9.49 -23.22
CA ASP A 338 13.86 9.30 -24.37
C ASP A 338 15.10 10.20 -24.35
N GLU B 10 19.92 -13.22 4.56
CA GLU B 10 19.18 -12.58 5.70
C GLU B 10 18.99 -11.08 5.46
N ASP B 11 17.81 -10.61 5.90
CA ASP B 11 17.45 -9.22 5.76
C ASP B 11 18.13 -8.38 6.84
N ILE B 12 18.75 -7.28 6.43
CA ILE B 12 19.32 -6.27 7.33
C ILE B 12 18.72 -4.89 7.04
N CYS B 13 18.14 -4.29 8.07
CA CYS B 13 17.56 -2.96 7.94
C CYS B 13 18.28 -1.85 8.76
N PHE B 14 18.66 -0.76 8.12
CA PHE B 14 19.08 0.45 8.87
C PHE B 14 17.91 1.42 9.13
N ILE B 15 17.66 1.70 10.42
CA ILE B 15 16.62 2.64 10.81
C ILE B 15 17.25 3.95 11.30
N ALA B 16 17.08 5.01 10.52
CA ALA B 16 17.64 6.31 10.87
C ALA B 16 16.52 7.13 11.49
N GLY B 17 16.62 7.41 12.80
CA GLY B 17 15.59 8.18 13.52
C GLY B 17 14.84 7.45 14.63
N ILE B 18 15.56 6.82 15.55
CA ILE B 18 14.94 6.31 16.76
C ILE B 18 15.65 7.03 17.88
N GLY B 19 14.91 7.56 18.85
CA GLY B 19 15.53 8.14 20.04
C GLY B 19 14.98 7.63 21.38
N ASP B 20 14.02 6.71 21.29
CA ASP B 20 13.23 6.25 22.43
C ASP B 20 12.24 5.22 21.87
N THR B 21 11.31 4.75 22.69
CA THR B 21 10.37 3.72 22.22
C THR B 21 8.96 4.27 21.95
N ASN B 22 8.81 5.60 21.91
CA ASN B 22 7.47 6.21 21.78
C ASN B 22 7.13 6.72 20.38
N GLY B 23 8.05 6.49 19.44
CA GLY B 23 7.91 6.98 18.08
C GLY B 23 7.66 5.91 17.03
N TYR B 24 7.60 6.34 15.78
CA TYR B 24 7.34 5.41 14.67
C TYR B 24 8.54 4.50 14.43
N GLY B 25 9.74 5.01 14.68
CA GLY B 25 10.96 4.21 14.43
C GLY B 25 10.95 2.90 15.26
N TRP B 26 10.51 3.02 16.52
CA TRP B 26 10.42 1.84 17.39
C TRP B 26 9.36 0.85 16.90
N GLY B 27 8.20 1.38 16.54
CA GLY B 27 7.14 0.51 16.03
C GLY B 27 7.56 -0.22 14.78
N ILE B 28 8.32 0.45 13.93
CA ILE B 28 8.86 -0.18 12.72
C ILE B 28 9.88 -1.29 13.06
N ALA B 29 10.80 -0.98 13.98
CA ALA B 29 11.76 -1.98 14.52
C ALA B 29 11.04 -3.23 15.02
N LYS B 30 10.03 -3.06 15.86
CA LYS B 30 9.33 -4.20 16.41
C LYS B 30 8.78 -5.14 15.33
N GLU B 31 8.09 -4.58 14.34
CA GLU B 31 7.47 -5.35 13.27
C GLU B 31 8.46 -6.03 12.32
N LEU B 32 9.54 -5.35 11.98
CA LEU B 32 10.63 -5.97 11.25
C LEU B 32 11.26 -7.15 12.01
N SER B 33 11.40 -7.03 13.33
CA SER B 33 11.97 -8.10 14.16
C SER B 33 11.07 -9.31 14.15
N LYS B 34 9.75 -9.12 14.24
CA LYS B 34 8.76 -10.18 13.97
C LYS B 34 9.04 -11.04 12.76
N ARG B 35 9.63 -10.42 11.72
CA ARG B 35 9.86 -11.09 10.45
C ARG B 35 11.33 -11.53 10.39
N ASN B 36 12.01 -11.42 11.54
CA ASN B 36 13.41 -11.85 11.70
C ASN B 36 14.39 -11.04 10.86
N VAL B 37 14.03 -9.78 10.59
CA VAL B 37 15.03 -8.91 9.99
C VAL B 37 15.94 -8.32 11.07
N LYS B 38 17.23 -8.23 10.75
CA LYS B 38 18.19 -7.65 11.67
C LYS B 38 18.19 -6.13 11.55
N ILE B 39 18.20 -5.48 12.70
CA ILE B 39 17.94 -4.05 12.80
C ILE B 39 19.19 -3.34 13.30
N ILE B 40 19.62 -2.34 12.56
CA ILE B 40 20.67 -1.42 13.02
C ILE B 40 20.03 -0.05 13.23
N PHE B 41 20.18 0.53 14.40
CA PHE B 41 19.70 1.90 14.71
C PHE B 41 20.76 2.98 14.48
N GLY B 42 20.36 4.06 13.82
CA GLY B 42 21.19 5.27 13.70
C GLY B 42 20.54 6.27 14.66
N ILE B 43 21.27 6.67 15.70
CA ILE B 43 20.69 7.43 16.79
C ILE B 43 21.32 8.83 16.85
N TRP B 44 20.50 9.87 16.84
CA TRP B 44 21.01 11.25 16.84
C TRP B 44 21.86 11.49 18.12
N PRO B 45 23.07 12.06 17.98
CA PRO B 45 23.95 12.29 19.16
C PRO B 45 23.38 13.01 20.39
N PRO B 46 22.49 14.04 20.23
CA PRO B 46 21.79 14.61 21.40
C PRO B 46 21.09 13.60 22.35
N VAL B 47 20.61 12.47 21.80
CA VAL B 47 19.94 11.44 22.61
C VAL B 47 20.69 10.09 22.65
N TYR B 48 21.85 10.01 22.01
CA TYR B 48 22.54 8.75 21.83
C TYR B 48 22.95 8.05 23.16
N ASN B 49 23.61 8.80 24.05
CA ASN B 49 24.05 8.25 25.33
C ASN B 49 22.89 7.76 26.21
N ILE B 50 21.83 8.56 26.34
CA ILE B 50 20.66 8.15 27.14
C ILE B 50 19.91 6.92 26.59
N PHE B 51 19.70 6.85 25.28
CA PHE B 51 19.09 5.68 24.67
C PHE B 51 19.91 4.43 24.99
N MET B 52 21.23 4.50 24.79
CA MET B 52 22.15 3.41 25.12
C MET B 52 22.02 2.98 26.59
N LYS B 53 22.06 3.97 27.48
CA LYS B 53 21.97 3.76 28.92
C LYS B 53 20.67 3.08 29.31
N ASN B 54 19.55 3.59 28.79
CA ASN B 54 18.24 3.04 29.09
C ASN B 54 18.12 1.60 28.61
N TYR B 55 18.67 1.33 27.42
CA TYR B 55 18.73 -0.01 26.86
C TYR B 55 19.57 -0.99 27.69
N LYS B 56 20.80 -0.59 28.02
CA LYS B 56 21.70 -1.37 28.87
C LYS B 56 21.06 -1.61 30.24
N ASN B 57 20.51 -0.55 30.84
CA ASN B 57 19.84 -0.64 32.14
C ASN B 57 18.48 -1.35 32.08
N GLY B 58 18.12 -1.84 30.90
CA GLY B 58 16.95 -2.72 30.71
C GLY B 58 15.57 -2.09 30.74
N LYS B 59 15.50 -0.75 30.62
CA LYS B 59 14.22 -0.05 30.68
C LYS B 59 13.35 -0.32 29.44
N PHE B 60 13.98 -0.79 28.36
CA PHE B 60 13.27 -1.09 27.11
C PHE B 60 12.80 -2.54 27.03
N ASP B 61 13.09 -3.33 28.07
CA ASP B 61 12.74 -4.76 28.15
C ASP B 61 11.24 -5.03 27.90
N ASN B 62 10.36 -4.26 28.56
CA ASN B 62 8.92 -4.36 28.32
C ASN B 62 8.56 -3.99 26.88
N ASP B 63 9.23 -2.95 26.37
CA ASP B 63 8.97 -2.38 25.05
C ASP B 63 9.40 -3.30 23.91
N MET B 64 10.41 -4.14 24.15
CA MET B 64 10.93 -5.09 23.15
C MET B 64 10.17 -6.42 23.07
N ILE B 65 9.14 -6.58 23.91
CA ILE B 65 8.35 -7.82 23.94
C ILE B 65 7.39 -7.85 22.77
N ILE B 66 7.52 -8.89 21.95
CA ILE B 66 6.61 -9.15 20.83
C ILE B 66 5.36 -9.95 21.27
N LYS B 71 10.98 -11.45 21.54
CA LYS B 71 12.02 -10.38 21.77
C LYS B 71 12.72 -9.91 20.48
N MET B 72 13.00 -8.60 20.40
CA MET B 72 13.70 -7.97 19.25
C MET B 72 15.21 -8.33 19.06
N ASN B 73 15.71 -8.21 17.82
CA ASN B 73 17.12 -8.52 17.47
C ASN B 73 17.88 -7.29 17.01
N ILE B 74 18.19 -6.42 17.97
CA ILE B 74 19.01 -5.25 17.68
C ILE B 74 20.47 -5.64 17.49
N LEU B 75 20.88 -5.62 16.22
CA LEU B 75 22.24 -5.89 15.79
C LEU B 75 23.26 -4.86 16.26
N ASP B 76 22.90 -3.60 16.13
CA ASP B 76 23.85 -2.52 16.36
C ASP B 76 23.13 -1.20 16.57
N MET B 77 23.80 -0.30 17.28
CA MET B 77 23.23 0.98 17.64
C MET B 77 24.33 2.01 17.43
N LEU B 78 24.11 2.89 16.45
CA LEU B 78 25.16 3.75 15.95
C LEU B 78 24.79 5.24 16.04
N PRO B 79 25.73 6.08 16.49
CA PRO B 79 25.40 7.50 16.47
C PRO B 79 25.33 7.96 15.03
N PHE B 80 24.38 8.85 14.75
CA PHE B 80 24.15 9.23 13.36
C PHE B 80 23.47 10.58 13.27
N ASP B 81 23.99 11.44 12.42
CA ASP B 81 23.41 12.74 12.29
C ASP B 81 23.26 12.99 10.80
N ALA B 82 22.00 12.96 10.36
CA ALA B 82 21.64 13.12 8.95
C ALA B 82 21.78 14.55 8.43
N SER B 83 22.16 15.52 9.28
CA SER B 83 22.57 16.89 8.82
C SER B 83 23.88 16.86 8.04
N PHE B 84 24.69 15.81 8.22
CA PHE B 84 26.07 15.81 7.65
C PHE B 84 26.24 14.72 6.62
N ASP B 85 26.60 15.09 5.40
CA ASP B 85 26.73 14.13 4.32
C ASP B 85 28.05 13.39 4.47
N THR B 86 29.10 14.13 4.79
CA THR B 86 30.45 13.54 4.95
C THR B 86 31.18 14.21 6.13
N ALA B 87 32.29 13.62 6.56
CA ALA B 87 33.06 14.17 7.69
C ALA B 87 33.50 15.61 7.43
N ASN B 88 33.75 15.95 6.18
CA ASN B 88 34.11 17.33 5.84
C ASN B 88 32.99 18.37 6.05
N ASP B 89 31.74 17.91 6.07
CA ASP B 89 30.60 18.79 6.32
C ASP B 89 30.47 19.17 7.79
N ILE B 90 31.05 18.40 8.72
CA ILE B 90 30.91 18.71 10.14
C ILE B 90 31.61 20.04 10.46
N ASP B 91 30.87 21.04 10.96
CA ASP B 91 31.49 22.31 11.40
C ASP B 91 32.30 22.08 12.67
N GLU B 92 33.32 22.92 12.89
CA GLU B 92 34.21 22.75 14.06
C GLU B 92 33.46 22.81 15.39
N GLU B 93 32.45 23.68 15.47
CA GLU B 93 31.68 23.76 16.70
C GLU B 93 30.96 22.45 17.06
N THR B 94 30.20 21.87 16.15
CA THR B 94 29.54 20.62 16.46
C THR B 94 30.57 19.50 16.70
N LYS B 95 31.65 19.50 15.93
CA LYS B 95 32.73 18.49 16.09
C LYS B 95 33.30 18.50 17.50
N ASN B 96 33.49 19.71 18.03
CA ASN B 96 33.93 19.94 19.41
C ASN B 96 32.82 19.94 20.47
N ASN B 97 31.55 19.87 20.06
CA ASN B 97 30.45 19.95 21.02
C ASN B 97 30.46 18.77 22.00
N LYS B 98 30.02 19.04 23.23
CA LYS B 98 29.85 18.09 24.35
C LYS B 98 29.27 16.70 23.97
N ARG B 99 28.25 16.68 23.12
CA ARG B 99 27.60 15.42 22.74
C ARG B 99 28.21 14.78 21.52
N TYR B 100 29.02 15.52 20.77
CA TYR B 100 29.60 14.99 19.53
C TYR B 100 31.08 14.64 19.72
N ASN B 101 31.69 15.25 20.73
CA ASN B 101 33.15 15.30 20.82
C ASN B 101 33.78 13.92 20.88
N MET B 102 33.13 12.99 21.56
CA MET B 102 33.70 11.65 21.71
C MET B 102 33.37 10.71 20.53
N LEU B 103 32.36 11.10 19.75
CA LEU B 103 31.74 10.17 18.79
C LEU B 103 32.43 10.27 17.44
N GLN B 104 32.33 9.19 16.65
CA GLN B 104 32.98 9.12 15.36
C GLN B 104 32.01 8.53 14.36
N ASN B 105 32.32 8.71 13.08
CA ASN B 105 31.63 8.03 11.99
C ASN B 105 30.12 8.19 11.99
N TYR B 106 29.66 9.43 12.17
CA TYR B 106 28.24 9.63 12.41
C TYR B 106 27.62 10.38 11.24
N THR B 107 28.44 10.75 10.27
CA THR B 107 27.91 11.34 9.07
C THR B 107 27.26 10.28 8.20
N ILE B 108 26.53 10.73 7.19
CA ILE B 108 25.84 9.81 6.29
C ILE B 108 26.84 8.87 5.56
N GLU B 109 27.80 9.41 4.84
CA GLU B 109 28.87 8.59 4.23
C GLU B 109 29.54 7.64 5.24
N ASP B 110 29.92 8.15 6.42
CA ASP B 110 30.61 7.30 7.41
C ASP B 110 29.78 6.18 7.98
N VAL B 111 28.49 6.40 8.27
CA VAL B 111 27.72 5.29 8.83
C VAL B 111 27.53 4.22 7.74
N ALA B 112 27.34 4.66 6.50
CA ALA B 112 27.18 3.72 5.37
C ALA B 112 28.44 2.84 5.26
N ASN B 113 29.60 3.49 5.25
CA ASN B 113 30.92 2.82 5.18
C ASN B 113 31.12 1.87 6.34
N LEU B 114 30.85 2.37 7.54
CA LEU B 114 30.89 1.56 8.76
C LEU B 114 30.02 0.28 8.67
N ILE B 115 28.74 0.46 8.36
CA ILE B 115 27.81 -0.64 8.25
C ILE B 115 28.31 -1.68 7.22
N HIS B 116 28.76 -1.20 6.06
CA HIS B 116 29.22 -2.07 5.01
C HIS B 116 30.41 -2.90 5.49
N GLN B 117 31.33 -2.24 6.19
CA GLN B 117 32.52 -2.89 6.70
C GLN B 117 32.19 -3.97 7.70
N LYS B 118 31.30 -3.69 8.65
CA LYS B 118 30.97 -4.69 9.67
C LYS B 118 30.06 -5.81 9.16
N TYR B 119 29.16 -5.51 8.21
CA TYR B 119 28.05 -6.42 7.93
C TYR B 119 27.85 -6.79 6.47
N GLY B 120 28.61 -6.15 5.62
CA GLY B 120 28.39 -6.22 4.19
C GLY B 120 27.15 -5.41 3.79
N LYS B 121 26.66 -5.69 2.59
CA LYS B 121 25.49 -5.06 2.01
C LYS B 121 24.18 -5.36 2.73
N ILE B 122 23.28 -4.37 2.71
CA ILE B 122 22.02 -4.49 3.46
C ILE B 122 20.90 -4.33 2.40
N ASN B 123 19.67 -4.54 2.78
CA ASN B 123 18.58 -4.61 1.81
C ASN B 123 17.38 -3.75 2.16
N MET B 124 17.48 -3.03 3.27
CA MET B 124 16.33 -2.26 3.77
C MET B 124 16.79 -0.99 4.46
N LEU B 125 16.13 0.13 4.14
CA LEU B 125 16.47 1.41 4.72
C LEU B 125 15.21 2.16 5.14
N VAL B 126 15.20 2.62 6.38
CA VAL B 126 14.12 3.44 6.92
C VAL B 126 14.65 4.84 7.24
N HIS B 127 14.03 5.84 6.63
CA HIS B 127 14.21 7.23 7.02
C HIS B 127 13.03 7.57 7.94
N SER B 128 13.32 7.85 9.20
CA SER B 128 12.26 8.09 10.19
C SER B 128 12.60 9.30 11.07
N LEU B 129 12.90 10.43 10.44
CA LEU B 129 13.36 11.61 11.18
C LEU B 129 12.91 12.88 10.46
N ALA B 130 12.88 13.95 11.23
CA ALA B 130 12.43 15.27 10.76
C ALA B 130 12.91 16.23 11.84
N ASN B 131 13.09 17.48 11.45
CA ASN B 131 13.57 18.53 12.34
C ASN B 131 13.36 19.83 11.66
N ALA B 132 13.07 20.86 12.46
CA ALA B 132 12.81 22.21 11.93
C ALA B 132 12.91 23.22 13.07
N LYS B 133 13.92 24.08 13.00
CA LYS B 133 14.15 25.13 14.00
C LYS B 133 12.90 25.94 14.36
N GLU B 134 12.08 26.29 13.37
CA GLU B 134 10.95 27.21 13.62
C GLU B 134 9.56 26.58 13.44
N VAL B 135 9.43 25.31 13.83
CA VAL B 135 8.18 24.54 13.65
C VAL B 135 6.98 25.24 14.27
N GLN B 136 7.24 26.05 15.32
CA GLN B 136 6.19 26.74 16.11
C GLN B 136 5.72 28.03 15.46
N LYS B 137 6.42 28.46 14.41
CA LYS B 137 6.00 29.62 13.65
C LYS B 137 5.16 29.16 12.48
N ASP B 138 4.13 29.94 12.15
CA ASP B 138 3.44 29.58 10.94
C ASP B 138 4.32 29.91 9.75
N LEU B 139 3.98 29.33 8.62
CA LEU B 139 4.81 29.44 7.40
C LEU B 139 5.15 30.86 7.01
N LEU B 140 4.12 31.71 6.98
CA LEU B 140 4.27 33.12 6.64
C LEU B 140 5.30 33.85 7.49
N ASN B 141 5.44 33.44 8.74
CA ASN B 141 6.37 34.07 9.70
C ASN B 141 7.68 33.28 9.89
N THR B 142 7.91 32.30 9.02
CA THR B 142 9.15 31.49 9.08
C THR B 142 10.28 32.21 8.36
N SER B 143 11.48 32.20 8.95
CA SER B 143 12.63 32.85 8.31
C SER B 143 13.23 31.94 7.23
N ARG B 144 14.06 32.53 6.36
CA ARG B 144 14.73 31.77 5.30
C ARG B 144 15.58 30.68 5.94
N LYS B 145 16.33 31.07 6.96
CA LYS B 145 17.16 30.13 7.69
C LYS B 145 16.32 29.00 8.30
N GLY B 146 15.20 29.29 8.93
CA GLY B 146 14.34 28.25 9.53
C GLY B 146 13.77 27.29 8.45
N TYR B 147 13.27 27.86 7.35
CA TYR B 147 12.62 27.09 6.25
C TYR B 147 13.66 26.15 5.65
N LEU B 148 14.82 26.70 5.32
CA LEU B 148 15.89 25.88 4.74
C LEU B 148 16.41 24.82 5.71
N ASP B 149 16.35 25.10 7.01
CA ASP B 149 16.71 24.09 8.01
C ASP B 149 15.70 22.93 8.01
N ALA B 150 14.41 23.23 7.91
CA ALA B 150 13.38 22.18 7.76
C ALA B 150 13.61 21.34 6.50
N LEU B 151 13.90 21.99 5.37
CA LEU B 151 14.16 21.25 4.12
C LEU B 151 15.45 20.42 4.19
N SER B 152 16.52 21.02 4.74
CA SER B 152 17.74 20.28 4.96
C SER B 152 17.63 19.03 5.80
N LYS B 153 17.03 19.17 6.99
CA LYS B 153 16.94 18.02 7.90
C LYS B 153 15.85 16.98 7.54
N SER B 154 14.72 17.44 7.02
CA SER B 154 13.59 16.54 6.82
C SER B 154 13.43 15.98 5.39
N SER B 155 14.00 16.66 4.40
CA SER B 155 13.83 16.29 2.98
C SER B 155 15.17 15.92 2.34
N TYR B 156 16.11 16.85 2.35
CA TYR B 156 17.39 16.56 1.73
C TYR B 156 18.08 15.32 2.35
N SER B 157 17.93 15.14 3.66
CA SER B 157 18.50 14.00 4.39
C SER B 157 18.10 12.65 3.76
N LEU B 158 16.88 12.61 3.17
CA LEU B 158 16.42 11.41 2.49
C LEU B 158 17.21 11.16 1.21
N ILE B 159 17.43 12.22 0.44
CA ILE B 159 18.18 12.14 -0.82
C ILE B 159 19.60 11.63 -0.61
N SER B 160 20.29 12.27 0.33
CA SER B 160 21.65 11.93 0.67
C SER B 160 21.75 10.54 1.27
N LEU B 161 20.80 10.16 2.14
CA LEU B 161 20.79 8.82 2.67
C LEU B 161 20.77 7.83 1.49
N CYS B 162 19.93 8.13 0.50
CA CYS B 162 19.81 7.29 -0.70
C CYS B 162 21.12 7.19 -1.44
N LYS B 163 21.71 8.33 -1.69
CA LYS B 163 22.92 8.45 -2.48
C LYS B 163 24.02 7.53 -1.93
N TYR B 164 24.19 7.56 -0.61
CA TYR B 164 25.25 6.81 0.02
C TYR B 164 24.88 5.39 0.30
N PHE B 165 23.62 5.11 0.68
CA PHE B 165 23.26 3.76 1.07
C PHE B 165 23.08 2.88 -0.15
N VAL B 166 22.91 3.51 -1.30
CA VAL B 166 22.59 2.81 -2.53
C VAL B 166 23.77 1.93 -2.96
N ASN B 167 24.97 2.37 -2.65
CA ASN B 167 26.16 1.59 -2.97
C ASN B 167 26.42 0.43 -2.02
N ILE B 168 25.77 0.41 -0.87
CA ILE B 168 25.89 -0.72 0.07
C ILE B 168 24.58 -1.51 0.19
N MET B 169 23.73 -1.36 -0.81
CA MET B 169 22.47 -2.09 -0.89
C MET B 169 22.42 -3.02 -2.10
N LYS B 170 21.77 -4.15 -1.92
CA LYS B 170 21.64 -5.10 -3.02
C LYS B 170 20.56 -4.67 -4.04
N PRO B 171 20.64 -5.17 -5.30
CA PRO B 171 19.48 -5.03 -6.17
C PRO B 171 18.25 -5.57 -5.46
N GLN B 172 17.06 -5.07 -5.82
CA GLN B 172 15.75 -5.48 -5.20
C GLN B 172 15.52 -4.99 -3.76
N SER B 173 16.45 -4.20 -3.23
CA SER B 173 16.30 -3.57 -1.92
C SER B 173 15.18 -2.49 -1.94
N SER B 174 14.84 -1.98 -0.76
CA SER B 174 13.66 -1.13 -0.57
C SER B 174 13.92 -0.08 0.52
N ILE B 175 13.43 1.14 0.28
CA ILE B 175 13.64 2.29 1.13
C ILE B 175 12.25 2.85 1.49
N ILE B 176 12.04 3.20 2.77
CA ILE B 176 10.82 3.97 3.14
C ILE B 176 11.17 5.22 3.97
N SER B 177 10.34 6.23 3.85
CA SER B 177 10.35 7.36 4.78
C SER B 177 8.92 7.53 5.34
N LEU B 178 8.81 8.46 6.28
CA LEU B 178 7.52 8.82 6.84
C LEU B 178 7.16 10.27 6.50
N THR B 179 5.89 10.50 6.22
CA THR B 179 5.44 11.83 5.85
C THR B 179 4.11 12.14 6.55
N TYR B 180 3.57 13.33 6.30
CA TYR B 180 2.32 13.74 6.94
C TYR B 180 1.45 14.53 5.94
N HIS B 181 0.12 14.28 5.97
CA HIS B 181 -0.87 14.87 5.04
C HIS B 181 -0.88 16.43 4.94
N ALA B 182 -0.30 17.12 5.93
CA ALA B 182 -0.12 18.58 5.85
C ALA B 182 0.66 19.05 4.63
N SER B 183 1.41 18.15 3.98
CA SER B 183 2.00 18.41 2.64
C SER B 183 0.91 18.71 1.59
N GLN B 184 -0.24 18.05 1.73
CA GLN B 184 -1.28 18.07 0.69
C GLN B 184 -2.51 18.90 1.06
N LYS B 185 -2.80 19.01 2.36
CA LYS B 185 -3.99 19.77 2.83
C LYS B 185 -3.56 20.56 4.08
N VAL B 186 -4.16 21.75 4.32
CA VAL B 186 -3.62 22.66 5.34
C VAL B 186 -3.93 22.18 6.75
N VAL B 187 -2.86 22.09 7.55
CA VAL B 187 -2.88 21.87 9.00
C VAL B 187 -2.22 23.09 9.63
N PRO B 188 -3.04 24.07 10.08
CA PRO B 188 -2.47 25.21 10.81
C PRO B 188 -1.79 24.63 12.08
N GLY B 189 -0.61 25.12 12.39
CA GLY B 189 0.17 24.59 13.53
C GLY B 189 1.35 23.70 13.11
N TYR B 190 1.29 23.14 11.88
CA TYR B 190 2.39 22.34 11.33
C TYR B 190 3.31 23.31 10.64
N GLY B 191 4.13 23.98 11.45
CA GLY B 191 4.75 25.21 11.01
C GLY B 191 6.19 25.07 10.57
N GLY B 192 6.85 26.21 10.41
CA GLY B 192 8.31 26.24 10.15
C GLY B 192 8.85 25.71 8.82
N GLY B 193 7.99 25.59 7.81
CA GLY B 193 8.42 24.86 6.59
C GLY B 193 8.28 23.33 6.66
N MET B 194 7.72 22.79 7.75
CA MET B 194 7.51 21.34 7.84
C MET B 194 6.53 20.83 6.80
N SER B 195 5.50 21.62 6.53
CA SER B 195 4.53 21.25 5.51
C SER B 195 5.26 21.20 4.16
N SER B 196 6.06 22.24 3.91
CA SER B 196 6.90 22.37 2.70
C SER B 196 7.89 21.20 2.55
N ALA B 197 8.54 20.85 3.66
CA ALA B 197 9.48 19.73 3.67
C ALA B 197 8.81 18.41 3.31
N LYS B 198 7.59 18.15 3.84
CA LYS B 198 6.90 16.92 3.51
C LYS B 198 6.38 16.89 2.05
N ALA B 199 5.94 18.05 1.53
CA ALA B 199 5.58 18.12 0.13
C ALA B 199 6.84 17.79 -0.71
N ALA B 200 7.98 18.40 -0.39
CA ALA B 200 9.22 18.08 -1.11
C ALA B 200 9.61 16.60 -1.00
N LEU B 201 9.52 16.01 0.19
CA LEU B 201 9.81 14.61 0.40
C LEU B 201 8.90 13.70 -0.46
N GLU B 202 7.61 14.00 -0.57
CA GLU B 202 6.70 13.12 -1.31
C GLU B 202 6.94 13.15 -2.85
N SER B 203 7.27 14.34 -3.33
CA SER B 203 7.72 14.58 -4.71
C SER B 203 9.10 13.93 -5.02
N ASP B 204 10.06 14.14 -4.11
CA ASP B 204 11.40 13.50 -4.22
C ASP B 204 11.32 11.99 -4.18
N THR B 205 10.34 11.45 -3.46
CA THR B 205 10.08 10.01 -3.42
C THR B 205 9.78 9.45 -4.82
N ARG B 206 9.00 10.21 -5.60
CA ARG B 206 8.78 9.88 -7.03
C ARG B 206 10.05 9.96 -7.90
N VAL B 207 10.73 11.11 -7.86
CA VAL B 207 11.98 11.28 -8.67
C VAL B 207 13.08 10.23 -8.33
N LEU B 208 13.31 10.03 -7.04
CA LEU B 208 14.19 8.96 -6.53
C LEU B 208 13.76 7.59 -7.02
N ALA B 209 12.45 7.32 -7.01
CA ALA B 209 11.94 6.04 -7.44
C ALA B 209 12.31 5.79 -8.91
N TYR B 210 12.21 6.83 -9.74
CA TYR B 210 12.65 6.75 -11.11
C TYR B 210 14.15 6.38 -11.24
N HIS B 211 15.03 7.18 -10.61
CA HIS B 211 16.48 6.95 -10.68
C HIS B 211 16.94 5.62 -10.06
N LEU B 212 16.44 5.33 -8.87
CA LEU B 212 16.78 4.10 -8.13
C LEU B 212 16.25 2.84 -8.79
N GLY B 213 15.06 2.93 -9.36
CA GLY B 213 14.47 1.78 -10.02
C GLY B 213 15.26 1.42 -11.28
N ARG B 214 15.51 2.43 -12.11
CA ARG B 214 16.20 2.23 -13.39
C ARG B 214 17.64 1.81 -13.27
N ASN B 215 18.36 2.39 -12.31
CA ASN B 215 19.79 2.24 -12.23
C ASN B 215 20.21 1.17 -11.26
N TYR B 216 19.35 0.89 -10.27
CA TYR B 216 19.73 -0.01 -9.20
C TYR B 216 18.71 -1.06 -8.92
N ASN B 217 17.59 -1.03 -9.63
CA ASN B 217 16.47 -1.92 -9.26
C ASN B 217 16.11 -1.82 -7.74
N ILE B 218 16.16 -0.60 -7.21
CA ILE B 218 15.79 -0.39 -5.79
C ILE B 218 14.49 0.41 -5.76
N ARG B 219 13.62 0.08 -4.80
CA ARG B 219 12.33 0.74 -4.61
C ARG B 219 12.33 1.75 -3.48
N ILE B 220 11.49 2.78 -3.59
CA ILE B 220 11.37 3.79 -2.53
C ILE B 220 9.91 4.25 -2.49
N ASN B 221 9.37 4.30 -1.28
CA ASN B 221 7.99 4.71 -1.06
C ASN B 221 7.98 5.53 0.21
N THR B 222 6.87 6.19 0.52
CA THR B 222 6.80 6.97 1.79
C THR B 222 5.48 6.63 2.49
N ILE B 223 5.47 6.56 3.81
CA ILE B 223 4.22 6.30 4.52
C ILE B 223 3.71 7.60 5.12
N SER B 224 2.46 7.96 4.79
CA SER B 224 1.82 9.13 5.37
C SER B 224 1.05 8.63 6.57
N ALA B 225 1.63 8.89 7.74
CA ALA B 225 1.13 8.34 8.99
C ALA B 225 0.14 9.29 9.61
N GLY B 226 -0.81 8.72 10.35
CA GLY B 226 -1.70 9.55 11.18
C GLY B 226 -0.97 9.96 12.47
N PRO B 227 -1.70 10.57 13.42
CA PRO B 227 -1.00 11.13 14.57
C PRO B 227 -0.62 10.10 15.65
N LEU B 228 0.57 10.29 16.22
CA LEU B 228 1.05 9.45 17.29
C LEU B 228 1.75 10.36 18.28
N LYS B 229 1.52 10.11 19.58
CA LYS B 229 2.14 10.97 20.62
C LYS B 229 3.61 10.60 20.88
N SER B 230 4.46 11.03 19.97
CA SER B 230 5.87 10.76 20.04
C SER B 230 6.51 11.92 20.78
N ARG B 231 7.79 11.75 21.09
CA ARG B 231 8.57 12.85 21.67
C ARG B 231 8.50 14.11 20.80
N ALA B 232 8.84 13.97 19.52
CA ALA B 232 8.77 15.09 18.57
C ALA B 232 7.40 15.79 18.58
N ALA B 233 6.33 15.02 18.55
CA ALA B 233 4.98 15.57 18.43
C ALA B 233 4.59 16.37 19.69
N THR B 234 4.97 15.84 20.86
CA THR B 234 4.65 16.42 22.16
C THR B 234 5.33 17.78 22.33
N ALA B 235 6.49 17.95 21.71
CA ALA B 235 7.31 19.17 21.85
C ALA B 235 6.72 20.35 21.15
N ILE B 236 5.79 20.11 20.23
CA ILE B 236 5.21 21.14 19.37
C ILE B 236 4.00 21.81 20.04
N ASN B 237 4.18 23.09 20.39
CA ASN B 237 3.22 24.02 21.06
C ASN B 237 1.91 24.13 20.27
N THR B 280 0.64 20.63 22.50
CA THR B 280 -0.35 19.52 22.46
C THR B 280 -1.53 19.74 21.49
N PHE B 281 -1.23 20.35 20.33
CA PHE B 281 -2.00 20.04 19.14
C PHE B 281 -2.03 18.51 18.95
N ILE B 282 -1.00 17.79 19.39
CA ILE B 282 -0.96 16.33 19.18
C ILE B 282 -2.14 15.61 19.83
N ASP B 283 -2.51 15.97 21.06
CA ASP B 283 -3.65 15.32 21.73
C ASP B 283 -4.99 15.68 21.07
N TYR B 284 -5.11 16.90 20.59
CA TYR B 284 -6.21 17.27 19.70
C TYR B 284 -6.22 16.45 18.40
N ALA B 285 -5.08 16.44 17.70
CA ALA B 285 -4.95 15.66 16.45
C ALA B 285 -5.43 14.22 16.69
N ILE B 286 -4.93 13.58 17.74
CA ILE B 286 -5.29 12.18 18.07
C ILE B 286 -6.79 12.07 18.35
N GLU B 287 -7.30 12.94 19.21
CA GLU B 287 -8.70 12.90 19.53
C GLU B 287 -9.57 13.10 18.31
N TYR B 288 -9.19 14.03 17.45
CA TYR B 288 -9.92 14.29 16.23
C TYR B 288 -9.92 13.04 15.34
N SER B 289 -8.75 12.46 15.14
CA SER B 289 -8.62 11.23 14.31
C SER B 289 -9.51 10.08 14.82
N GLU B 290 -9.46 9.81 16.15
CA GLU B 290 -10.30 8.76 16.79
C GLU B 290 -11.81 9.03 16.78
N LYS B 291 -12.20 10.29 16.68
CA LYS B 291 -13.59 10.61 16.55
C LYS B 291 -14.05 10.53 15.07
N TYR B 292 -13.21 10.99 14.15
CA TYR B 292 -13.67 11.19 12.75
C TYR B 292 -13.16 10.22 11.68
N ALA B 293 -12.07 9.50 11.95
CA ALA B 293 -11.53 8.56 10.93
C ALA B 293 -12.58 7.47 10.66
N PRO B 294 -12.63 6.94 9.40
CA PRO B 294 -13.51 5.78 9.08
C PRO B 294 -13.31 4.64 10.08
N LEU B 295 -12.06 4.46 10.55
CA LEU B 295 -11.68 3.44 11.48
C LEU B 295 -11.42 4.04 12.86
N ARG B 296 -12.13 3.58 13.86
CA ARG B 296 -12.06 4.29 15.12
C ARG B 296 -11.07 3.73 16.20
N GLN B 297 -10.45 2.59 15.92
CA GLN B 297 -9.35 2.12 16.74
C GLN B 297 -8.23 3.16 16.99
N LYS B 298 -7.49 3.00 18.10
CA LYS B 298 -6.31 3.80 18.38
C LYS B 298 -5.29 3.43 17.33
N LEU B 299 -4.71 4.45 16.69
CA LEU B 299 -3.57 4.25 15.78
C LEU B 299 -2.30 3.94 16.54
N LEU B 300 -1.74 2.78 16.22
CA LEU B 300 -0.53 2.32 16.89
C LEU B 300 0.71 2.55 16.08
N SER B 301 1.81 2.74 16.78
CA SER B 301 3.12 2.74 16.13
C SER B 301 3.42 1.50 15.30
N THR B 302 3.06 0.33 15.81
CA THR B 302 3.23 -0.96 15.10
C THR B 302 2.26 -1.11 13.88
N ASP B 303 1.18 -0.33 13.85
CA ASP B 303 0.29 -0.24 12.63
C ASP B 303 1.07 0.37 11.47
N ILE B 304 1.85 1.40 11.73
CA ILE B 304 2.72 1.94 10.68
C ILE B 304 3.81 0.88 10.42
N GLY B 305 4.30 0.28 11.51
CA GLY B 305 5.37 -0.73 11.43
C GLY B 305 5.09 -1.94 10.56
N SER B 306 3.88 -2.47 10.62
CA SER B 306 3.53 -3.59 9.74
C SER B 306 3.40 -3.19 8.26
N VAL B 307 3.01 -1.94 7.97
CA VAL B 307 2.95 -1.49 6.56
C VAL B 307 4.39 -1.26 6.07
N ALA B 308 5.23 -0.69 6.92
CA ALA B 308 6.68 -0.55 6.64
C ALA B 308 7.35 -1.87 6.27
N SER B 309 7.11 -2.89 7.07
CA SER B 309 7.62 -4.25 6.88
C SER B 309 7.18 -4.80 5.51
N PHE B 310 5.89 -4.66 5.21
CA PHE B 310 5.39 -4.97 3.88
C PHE B 310 6.11 -4.22 2.75
N LEU B 311 6.24 -2.90 2.86
CA LEU B 311 6.86 -2.10 1.79
C LEU B 311 8.34 -2.42 1.64
N LEU B 312 8.99 -2.76 2.74
CA LEU B 312 10.40 -3.14 2.70
C LEU B 312 10.63 -4.56 2.17
N SER B 313 9.60 -5.39 2.21
CA SER B 313 9.71 -6.80 1.82
C SER B 313 9.49 -6.97 0.33
N ARG B 314 9.87 -8.13 -0.19
CA ARG B 314 9.61 -8.46 -1.60
C ARG B 314 8.12 -8.64 -1.93
N GLU B 315 7.23 -8.67 -0.94
CA GLU B 315 5.77 -8.70 -1.26
C GLU B 315 5.25 -7.44 -2.03
N SER B 316 5.98 -6.33 -1.93
CA SER B 316 5.56 -5.06 -2.55
C SER B 316 6.46 -4.72 -3.75
N ARG B 317 7.17 -5.72 -4.31
CA ARG B 317 8.10 -5.49 -5.44
C ARG B 317 7.61 -4.66 -6.63
N ALA B 318 6.28 -4.62 -6.88
CA ALA B 318 5.75 -3.76 -7.94
C ALA B 318 5.23 -2.38 -7.49
N ILE B 319 5.55 -1.96 -6.27
CA ILE B 319 5.12 -0.66 -5.74
C ILE B 319 6.35 0.21 -5.60
N THR B 320 6.36 1.37 -6.27
CA THR B 320 7.44 2.33 -6.06
C THR B 320 6.99 3.77 -6.35
N GLY B 321 7.58 4.74 -5.63
CA GLY B 321 7.26 6.14 -5.84
C GLY B 321 6.00 6.62 -5.17
N GLN B 322 5.41 5.76 -4.35
CA GLN B 322 4.08 5.98 -3.78
C GLN B 322 4.11 6.56 -2.38
N THR B 323 3.10 7.39 -2.10
CA THR B 323 2.75 7.82 -0.77
C THR B 323 1.56 6.98 -0.33
N ILE B 324 1.77 6.12 0.67
CA ILE B 324 0.78 5.19 1.17
C ILE B 324 0.31 5.69 2.53
N TYR B 325 -0.99 5.89 2.65
CA TYR B 325 -1.61 6.46 3.87
C TYR B 325 -1.93 5.38 4.84
N VAL B 326 -1.40 5.54 6.06
CA VAL B 326 -1.64 4.62 7.18
C VAL B 326 -2.11 5.47 8.35
N ASP B 327 -3.42 5.69 8.40
CA ASP B 327 -3.96 6.79 9.16
C ASP B 327 -5.41 6.55 9.51
N ASN B 328 -5.78 5.28 9.53
CA ASN B 328 -7.16 4.85 9.74
C ASN B 328 -8.15 5.45 8.75
N GLY B 329 -7.64 5.97 7.63
CA GLY B 329 -8.48 6.46 6.53
C GLY B 329 -8.87 7.92 6.65
N LEU B 330 -8.30 8.62 7.64
CA LEU B 330 -8.73 9.99 8.00
C LEU B 330 -8.62 10.90 6.80
N ASN B 331 -7.55 10.70 6.02
CA ASN B 331 -7.28 11.50 4.79
C ASN B 331 -8.41 11.56 3.75
N ILE B 332 -9.28 10.56 3.74
CA ILE B 332 -10.34 10.51 2.74
C ILE B 332 -11.55 11.44 3.04
N MET B 333 -11.62 11.99 4.25
CA MET B 333 -12.78 12.78 4.68
C MET B 333 -12.69 14.23 4.23
N PHE B 334 -13.82 14.80 3.87
CA PHE B 334 -13.89 16.24 3.60
C PHE B 334 -14.38 16.92 4.89
N LEU B 335 -15.63 16.70 5.23
CA LEU B 335 -16.30 17.41 6.34
C LEU B 335 -16.56 16.49 7.56
N PRO B 336 -16.36 17.01 8.79
CA PRO B 336 -16.80 16.29 10.00
C PRO B 336 -18.23 15.83 9.76
N ASP B 337 -18.54 14.58 10.08
CA ASP B 337 -19.87 14.01 9.82
C ASP B 337 -20.96 14.35 10.86
N ASP B 338 -20.81 15.47 11.56
CA ASP B 338 -21.72 15.88 12.64
C ASP B 338 -23.20 16.14 12.27
#